data_1NGQ
#
_entry.id   1NGQ
#
_cell.length_a   109.885
_cell.length_b   109.885
_cell.length_c   97.959
_cell.angle_alpha   90.00
_cell.angle_beta   90.00
_cell.angle_gamma   90.00
#
_symmetry.space_group_name_H-M   'P 41 21 2'
#
loop_
_entity.id
_entity.type
_entity.pdbx_description
1 polymer 'N1G9 (IGG1-LAMBDA)'
2 polymer 'N1G9 (IGG1-LAMBDA)'
3 non-polymer 'SULFATE ION'
4 water water
#
loop_
_entity_poly.entity_id
_entity_poly.type
_entity_poly.pdbx_seq_one_letter_code
_entity_poly.pdbx_strand_id
1 'polypeptide(L)'
;QAVVTQESALTTSPGETVTLTCRSSTGAVTTSNYANWVQEKPDHLFTGLIGGTNNRAPGVPARFSGSLIGDKAALTITGA
QTEDEAIYFCALWYSNHWVFGGGTKLTVLGQPKSSPSVTLFPPSSEELETNKATLVCTITDFYPGVVTVDWKVDGTPVTQ
GMETTQPSKQSNNKYMASSYLTLTARAWERHSSYSCQVTHEGHTVEKSLSRADCS
;
L
2 'polypeptide(L)'
;QVQLQQPGAELVKPGASVKLSCKASGYTFTSYWMHWVKQRPGRGLEWIGRIDPNSGGTKYNEKFKSKATLTVDKPSSTAY
MQLSSLTSEDSAVYYCARYDYYGSSYFDYWGQGTTLTVSSAKTTPPSVYPLAPGSAAQTNSMVTLGCLVKGYFPEPVTVT
WNSGSLSSGVHTFPAVLQSDLYTLSSSVTVPSSPWPSETVTCNVAHPASSTKVDKKIVPRDC
;
H
#
loop_
_chem_comp.id
_chem_comp.type
_chem_comp.name
_chem_comp.formula
SO4 non-polymer 'SULFATE ION' 'O4 S -2'
#
# COMPACT_ATOMS: atom_id res chain seq x y z
N GLN A 1 -2.59 14.43 18.93
CA GLN A 1 -1.57 14.92 19.89
C GLN A 1 -1.18 13.80 20.84
N ALA A 2 -1.21 12.58 20.34
CA ALA A 2 -0.81 11.34 21.00
C ALA A 2 -0.31 10.41 19.89
N VAL A 3 0.67 9.60 20.18
CA VAL A 3 1.24 8.72 19.14
C VAL A 3 1.18 7.27 19.57
N VAL A 4 0.39 6.49 18.84
CA VAL A 4 0.26 5.04 19.13
C VAL A 4 1.40 4.36 18.37
N THR A 5 2.13 3.49 19.01
CA THR A 5 3.25 2.75 18.41
C THR A 5 3.05 1.23 18.44
N GLN A 6 3.36 0.57 17.32
CA GLN A 6 3.20 -0.89 17.23
C GLN A 6 4.45 -1.52 16.61
N GLU A 7 4.61 -2.80 16.90
CA GLU A 7 5.79 -3.51 16.29
C GLU A 7 5.59 -3.37 14.80
N SER A 8 6.65 -3.31 14.09
CA SER A 8 6.73 -3.12 12.66
C SER A 8 6.39 -4.35 11.88
N ALA A 9 6.99 -5.45 12.27
CA ALA A 9 6.71 -6.72 11.58
C ALA A 9 7.03 -7.79 12.61
N LEU A 10 6.33 -8.90 12.56
CA LEU A 10 6.49 -10.07 13.40
C LEU A 10 6.24 -11.29 12.47
N THR A 11 7.07 -12.27 12.67
CA THR A 11 7.06 -13.50 11.90
C THR A 11 6.80 -14.66 12.87
N THR A 12 5.91 -15.56 12.63
CA THR A 12 5.62 -16.71 13.47
C THR A 12 5.35 -17.89 12.54
N SER A 13 5.10 -19.03 13.10
CA SER A 13 4.85 -20.28 12.38
C SER A 13 3.44 -20.74 12.77
N PRO A 14 2.81 -21.48 11.89
CA PRO A 14 1.46 -21.99 12.19
C PRO A 14 1.55 -22.69 13.54
N GLY A 15 0.55 -22.60 14.39
CA GLY A 15 0.53 -23.28 15.68
C GLY A 15 1.14 -22.51 16.81
N GLU A 16 1.90 -21.44 16.55
CA GLU A 16 2.48 -20.69 17.68
C GLU A 16 1.54 -19.66 18.26
N THR A 17 1.95 -19.14 19.41
CA THR A 17 1.27 -18.06 20.13
C THR A 17 2.10 -16.79 19.94
N VAL A 18 1.50 -15.76 19.41
CA VAL A 18 2.23 -14.50 19.16
C VAL A 18 1.49 -13.32 19.77
N THR A 19 2.18 -12.33 20.31
CA THR A 19 1.57 -11.18 20.93
C THR A 19 1.94 -9.89 20.24
N LEU A 20 0.96 -9.08 19.88
CA LEU A 20 1.27 -7.80 19.26
C LEU A 20 0.90 -6.79 20.37
N THR A 21 1.65 -5.71 20.36
CA THR A 21 1.37 -4.67 21.38
C THR A 21 1.13 -3.35 20.68
N CYS A 22 0.52 -2.50 21.48
CA CYS A 22 0.08 -1.14 21.16
C CYS A 22 0.45 -0.19 22.29
N ARG A 23 1.42 0.67 22.09
CA ARG A 23 1.89 1.63 23.07
C ARG A 23 1.46 3.06 22.82
N SER A 24 1.09 3.73 23.87
CA SER A 24 0.67 5.14 23.76
C SER A 24 1.81 6.04 24.22
N SER A 25 2.11 7.10 23.52
CA SER A 25 3.17 8.02 23.86
C SER A 25 2.84 8.87 25.08
N THR A 26 1.60 9.02 25.47
CA THR A 26 1.24 9.85 26.61
C THR A 26 1.28 9.14 27.94
N GLY A 27 1.10 7.84 27.98
CA GLY A 27 1.14 7.13 29.27
C GLY A 27 0.71 5.70 29.08
N ALA A 28 0.44 5.00 30.17
CA ALA A 28 0.00 3.61 30.08
C ALA A 28 -1.35 3.63 29.32
N VAL A 29 -1.59 2.50 28.67
CA VAL A 29 -2.88 2.40 27.98
C VAL A 29 -3.83 1.93 29.07
N THR A 30 -5.06 2.42 29.15
CA THR A 30 -6.00 1.92 30.20
C THR A 30 -7.33 1.58 29.55
N THR A 31 -8.26 1.05 30.30
CA THR A 31 -9.54 0.63 29.73
C THR A 31 -10.33 1.78 29.18
N SER A 32 -9.93 3.00 29.45
CA SER A 32 -10.69 4.16 28.97
C SER A 32 -10.19 4.64 27.63
N ASN A 33 -9.27 3.89 27.08
CA ASN A 33 -8.66 4.08 25.76
C ASN A 33 -9.35 3.14 24.75
N TYR A 34 -10.13 2.23 25.29
CA TYR A 34 -10.94 1.29 24.51
C TYR A 34 -10.20 0.72 23.35
N ALA A 35 -9.04 0.17 23.58
CA ALA A 35 -8.19 -0.39 22.52
C ALA A 35 -9.04 -1.23 21.57
N ASN A 36 -8.85 -0.99 20.29
CA ASN A 36 -9.50 -1.66 19.16
C ASN A 36 -8.34 -2.30 18.37
N TRP A 37 -8.56 -3.37 17.73
CA TRP A 37 -7.57 -4.08 16.89
C TRP A 37 -8.31 -4.31 15.56
N VAL A 38 -7.69 -3.97 14.48
CA VAL A 38 -8.32 -4.10 13.14
C VAL A 38 -7.35 -4.85 12.26
N GLN A 39 -7.85 -5.66 11.35
CA GLN A 39 -6.95 -6.45 10.50
C GLN A 39 -7.12 -6.03 9.07
N GLU A 40 -6.08 -5.89 8.33
CA GLU A 40 -6.15 -5.55 6.93
C GLU A 40 -5.58 -6.70 6.11
N LYS A 41 -6.38 -7.36 5.32
CA LYS A 41 -5.94 -8.49 4.46
C LYS A 41 -5.74 -7.80 3.12
N PRO A 42 -5.08 -8.41 2.17
CA PRO A 42 -4.87 -7.78 0.85
C PRO A 42 -6.20 -7.63 0.14
N ASP A 43 -6.22 -6.48 -0.51
CA ASP A 43 -7.29 -5.92 -1.29
C ASP A 43 -7.99 -4.82 -0.48
N HIS A 44 -7.30 -4.14 0.38
CA HIS A 44 -8.02 -3.10 1.17
C HIS A 44 -9.24 -3.68 1.86
N LEU A 45 -9.07 -4.85 2.46
CA LEU A 45 -10.07 -5.63 3.18
C LEU A 45 -9.97 -5.45 4.69
N PHE A 46 -10.86 -4.69 5.30
CA PHE A 46 -10.80 -4.44 6.74
C PHE A 46 -11.94 -5.13 7.46
N THR A 47 -11.63 -5.66 8.62
CA THR A 47 -12.47 -6.32 9.57
C THR A 47 -12.08 -5.90 11.00
N GLY A 48 -12.97 -5.80 11.90
CA GLY A 48 -12.63 -5.47 13.31
C GLY A 48 -12.61 -6.81 14.05
N LEU A 49 -11.62 -6.98 14.89
CA LEU A 49 -11.29 -8.11 15.69
C LEU A 49 -11.76 -7.95 17.14
N ILE A 50 -11.22 -7.01 17.87
CA ILE A 50 -11.46 -6.65 19.27
C ILE A 50 -11.79 -5.18 19.45
N GLY A 51 -12.61 -4.87 20.43
CA GLY A 51 -13.00 -3.48 20.72
C GLY A 51 -13.15 -3.34 22.21
N GLY A 52 -12.95 -2.13 22.69
CA GLY A 52 -13.11 -1.92 24.15
C GLY A 52 -12.19 -2.88 24.90
N THR A 53 -10.97 -2.97 24.42
CA THR A 53 -9.87 -3.73 24.94
C THR A 53 -9.91 -5.23 24.74
N ASN A 54 -11.04 -5.82 25.14
CA ASN A 54 -11.19 -7.24 25.06
C ASN A 54 -12.51 -7.78 24.54
N ASN A 55 -13.26 -7.06 23.76
CA ASN A 55 -14.53 -7.57 23.25
C ASN A 55 -14.24 -8.06 21.84
N ARG A 56 -14.39 -9.32 21.55
CA ARG A 56 -14.13 -9.87 20.22
C ARG A 56 -15.32 -9.65 19.31
N ALA A 57 -15.13 -9.04 18.16
CA ALA A 57 -16.21 -8.76 17.19
C ALA A 57 -16.85 -10.10 16.95
N PRO A 58 -18.04 -10.17 16.46
CA PRO A 58 -18.72 -11.48 16.27
C PRO A 58 -18.24 -12.04 14.96
N GLY A 59 -17.94 -13.32 15.01
CA GLY A 59 -17.43 -14.10 13.87
C GLY A 59 -15.93 -14.04 13.65
N VAL A 60 -15.17 -13.65 14.65
CA VAL A 60 -13.72 -13.55 14.70
C VAL A 60 -13.35 -14.78 15.54
N PRO A 61 -12.48 -15.59 15.01
CA PRO A 61 -12.09 -16.84 15.69
C PRO A 61 -11.63 -16.53 17.11
N ALA A 62 -11.78 -17.45 18.02
CA ALA A 62 -11.37 -17.36 19.41
C ALA A 62 -9.88 -17.36 19.65
N ARG A 63 -9.08 -17.68 18.68
CA ARG A 63 -7.63 -17.71 18.80
C ARG A 63 -7.18 -16.28 19.05
N PHE A 64 -8.07 -15.33 18.82
CA PHE A 64 -7.82 -13.91 19.02
C PHE A 64 -8.43 -13.38 20.32
N SER A 65 -7.55 -12.78 21.11
CA SER A 65 -8.01 -12.19 22.40
C SER A 65 -7.20 -10.92 22.64
N GLY A 66 -7.79 -9.95 23.32
CA GLY A 66 -7.10 -8.68 23.57
C GLY A 66 -6.98 -8.55 25.08
N SER A 67 -6.09 -7.66 25.49
CA SER A 67 -5.91 -7.45 26.95
C SER A 67 -4.95 -6.29 27.13
N LEU A 68 -4.70 -6.00 28.39
CA LEU A 68 -3.73 -4.91 28.67
C LEU A 68 -2.62 -5.69 29.37
N ILE A 69 -1.43 -5.51 28.91
CA ILE A 69 -0.27 -6.20 29.50
C ILE A 69 0.70 -5.08 29.89
N GLY A 70 0.91 -4.90 31.17
CA GLY A 70 1.83 -3.80 31.55
C GLY A 70 1.03 -2.52 31.26
N ASP A 71 1.68 -1.61 30.58
CA ASP A 71 1.04 -0.32 30.26
C ASP A 71 0.64 -0.26 28.79
N LYS A 72 0.39 -1.45 28.22
CA LYS A 72 0.00 -1.35 26.78
C LYS A 72 -1.13 -2.28 26.42
N ALA A 73 -1.78 -2.06 25.30
CA ALA A 73 -2.89 -2.96 24.90
C ALA A 73 -2.23 -4.10 24.13
N ALA A 74 -2.66 -5.33 24.22
CA ALA A 74 -2.02 -6.43 23.49
C ALA A 74 -3.06 -7.29 22.79
N LEU A 75 -2.69 -7.91 21.69
CA LEU A 75 -3.60 -8.81 20.91
C LEU A 75 -2.88 -10.17 20.94
N THR A 76 -3.45 -11.24 21.39
CA THR A 76 -2.70 -12.51 21.34
C THR A 76 -3.40 -13.42 20.36
N ILE A 77 -2.66 -14.05 19.49
CA ILE A 77 -3.17 -15.01 18.54
C ILE A 77 -2.72 -16.35 19.13
N THR A 78 -3.61 -17.13 19.63
CA THR A 78 -3.25 -18.42 20.22
C THR A 78 -3.49 -19.58 19.26
N GLY A 79 -2.44 -19.96 18.57
CA GLY A 79 -2.50 -21.06 17.58
C GLY A 79 -2.50 -20.28 16.27
N ALA A 80 -1.54 -19.40 16.07
CA ALA A 80 -1.63 -18.60 14.83
C ALA A 80 -1.80 -19.55 13.67
N GLN A 81 -2.49 -19.13 12.65
CA GLN A 81 -2.78 -19.82 11.41
C GLN A 81 -2.24 -19.01 10.22
N THR A 82 -2.06 -19.71 9.15
CA THR A 82 -1.54 -19.20 7.88
C THR A 82 -2.40 -18.08 7.39
N GLU A 83 -3.65 -18.16 7.72
CA GLU A 83 -4.71 -17.22 7.32
C GLU A 83 -4.55 -15.93 8.08
N ASP A 84 -3.86 -15.92 9.19
CA ASP A 84 -3.68 -14.74 10.01
C ASP A 84 -2.59 -13.84 9.46
N GLU A 85 -2.00 -14.15 8.35
CA GLU A 85 -0.88 -13.32 7.84
C GLU A 85 -1.50 -12.06 7.29
N ALA A 86 -1.30 -10.92 7.92
CA ALA A 86 -1.90 -9.67 7.50
C ALA A 86 -1.32 -8.52 8.28
N ILE A 87 -1.91 -7.34 8.10
CA ILE A 87 -1.48 -6.15 8.86
C ILE A 87 -2.52 -5.89 9.95
N TYR A 88 -2.10 -5.79 11.19
CA TYR A 88 -2.94 -5.55 12.35
C TYR A 88 -2.70 -4.14 12.85
N PHE A 89 -3.74 -3.36 12.98
CA PHE A 89 -3.63 -1.97 13.42
C PHE A 89 -4.31 -1.83 14.78
N CYS A 90 -3.77 -1.03 15.67
CA CYS A 90 -4.48 -0.84 16.95
C CYS A 90 -4.95 0.64 16.89
N ALA A 91 -5.99 0.87 17.62
CA ALA A 91 -6.57 2.22 17.71
C ALA A 91 -6.83 2.43 19.20
N LEU A 92 -6.60 3.62 19.65
CA LEU A 92 -6.77 4.05 21.01
C LEU A 92 -7.64 5.31 21.07
N TRP A 93 -8.53 5.37 22.03
CA TRP A 93 -9.41 6.55 22.17
C TRP A 93 -8.81 7.53 23.16
N TYR A 94 -8.89 8.80 22.82
CA TYR A 94 -8.34 9.85 23.70
C TYR A 94 -9.31 10.97 24.01
N SER A 95 -10.36 10.62 24.70
CA SER A 95 -11.40 11.56 25.14
C SER A 95 -12.22 12.24 24.08
N ASN A 96 -11.67 12.46 22.88
CA ASN A 96 -12.43 13.15 21.80
C ASN A 96 -12.11 12.67 20.38
N HIS A 97 -11.02 11.93 20.20
CA HIS A 97 -10.65 11.44 18.86
C HIS A 97 -9.93 10.11 18.98
N TRP A 98 -9.74 9.45 17.83
CA TRP A 98 -9.08 8.18 17.70
C TRP A 98 -7.70 8.38 17.06
N VAL A 99 -6.76 7.60 17.54
CA VAL A 99 -5.41 7.61 17.00
C VAL A 99 -5.12 6.14 16.67
N PHE A 100 -4.69 5.92 15.48
CA PHE A 100 -4.39 4.60 14.93
C PHE A 100 -2.91 4.39 15.04
N GLY A 101 -2.47 3.19 15.22
CA GLY A 101 -1.05 2.82 15.29
C GLY A 101 -0.58 2.62 13.85
N GLY A 102 0.69 2.41 13.65
CA GLY A 102 1.28 2.28 12.31
C GLY A 102 1.01 0.94 11.65
N GLY A 103 0.54 -0.02 12.43
CA GLY A 103 0.21 -1.37 12.06
C GLY A 103 1.41 -2.29 12.15
N THR A 104 1.19 -3.54 12.44
CA THR A 104 2.22 -4.59 12.53
C THR A 104 2.05 -5.59 11.37
N LYS A 105 3.01 -5.77 10.50
CA LYS A 105 2.85 -6.77 9.43
C LYS A 105 3.15 -8.13 10.06
N LEU A 106 2.25 -9.04 10.16
CA LEU A 106 2.46 -10.37 10.70
C LEU A 106 2.55 -11.39 9.57
N THR A 107 3.58 -12.21 9.64
CA THR A 107 3.83 -13.29 8.68
C THR A 107 3.67 -14.63 9.37
N VAL A 108 2.84 -15.53 8.93
CA VAL A 108 2.72 -16.88 9.55
C VAL A 108 3.34 -17.81 8.51
N LEU A 109 4.59 -18.17 8.66
CA LEU A 109 5.29 -19.00 7.66
C LEU A 109 4.43 -20.08 7.05
N GLY A 110 4.08 -19.95 5.81
CA GLY A 110 3.25 -20.92 5.10
C GLY A 110 4.07 -21.68 4.05
N GLN A 111 5.35 -21.39 4.02
CA GLN A 111 6.37 -21.93 3.15
C GLN A 111 7.70 -21.38 3.68
N PRO A 112 8.80 -21.96 3.26
CA PRO A 112 10.10 -21.55 3.78
C PRO A 112 10.44 -20.13 3.44
N LYS A 113 11.27 -19.47 4.22
CA LYS A 113 11.69 -18.10 3.92
C LYS A 113 12.40 -18.21 2.57
N SER A 114 12.44 -17.11 1.86
CA SER A 114 13.08 -17.06 0.52
C SER A 114 13.71 -15.70 0.37
N SER A 115 14.94 -15.58 -0.04
CA SER A 115 15.65 -14.32 -0.18
C SER A 115 15.18 -13.62 -1.43
N PRO A 116 15.32 -12.32 -1.44
CA PRO A 116 14.91 -11.57 -2.63
C PRO A 116 15.94 -11.77 -3.75
N SER A 117 15.40 -11.56 -4.93
CA SER A 117 16.12 -11.55 -6.19
C SER A 117 16.02 -10.08 -6.62
N VAL A 118 17.14 -9.44 -6.51
CA VAL A 118 17.40 -8.03 -6.81
C VAL A 118 18.19 -7.86 -8.10
N THR A 119 17.76 -6.89 -8.89
CA THR A 119 18.31 -6.45 -10.14
C THR A 119 18.18 -4.92 -10.24
N LEU A 120 19.30 -4.31 -10.62
CA LEU A 120 19.34 -2.84 -10.78
C LEU A 120 19.63 -2.60 -12.28
N PHE A 121 18.84 -1.78 -12.90
CA PHE A 121 19.02 -1.45 -14.30
C PHE A 121 19.45 0.02 -14.38
N PRO A 122 20.23 0.33 -15.38
CA PRO A 122 20.71 1.68 -15.66
C PRO A 122 19.62 2.38 -16.47
N PRO A 123 19.72 3.71 -16.50
CA PRO A 123 18.74 4.48 -17.29
C PRO A 123 19.00 4.01 -18.72
N SER A 124 17.93 3.78 -19.46
CA SER A 124 18.22 3.37 -20.86
C SER A 124 18.68 4.64 -21.58
N SER A 125 19.20 4.47 -22.78
CA SER A 125 19.73 5.62 -23.54
C SER A 125 18.67 6.44 -24.22
N GLU A 126 17.56 5.86 -24.61
CA GLU A 126 16.45 6.59 -25.24
C GLU A 126 15.86 7.58 -24.26
N GLU A 127 16.00 7.25 -22.99
CA GLU A 127 15.56 8.00 -21.84
C GLU A 127 16.60 9.05 -21.49
N LEU A 128 17.87 8.82 -21.83
CA LEU A 128 18.91 9.82 -21.54
C LEU A 128 18.87 10.92 -22.61
N GLU A 129 18.03 10.63 -23.58
CA GLU A 129 17.76 11.47 -24.74
C GLU A 129 16.60 12.41 -24.42
N THR A 130 16.06 12.24 -23.23
CA THR A 130 14.94 13.04 -22.71
C THR A 130 15.46 13.99 -21.64
N ASN A 131 16.74 13.83 -21.34
CA ASN A 131 17.40 14.66 -20.30
C ASN A 131 16.97 14.13 -18.91
N LYS A 132 16.67 12.82 -18.90
CA LYS A 132 16.26 12.09 -17.71
C LYS A 132 16.94 10.72 -17.62
N ALA A 133 17.09 10.27 -16.40
CA ALA A 133 17.70 9.00 -16.01
C ALA A 133 17.00 8.41 -14.78
N THR A 134 16.53 7.19 -14.94
CA THR A 134 15.83 6.47 -13.84
C THR A 134 16.44 5.09 -13.70
N LEU A 135 16.98 4.86 -12.52
CA LEU A 135 17.59 3.59 -12.12
C LEU A 135 16.41 2.80 -11.50
N VAL A 136 16.14 1.62 -12.02
CA VAL A 136 15.06 0.76 -11.51
C VAL A 136 15.67 -0.39 -10.72
N CYS A 137 15.22 -0.55 -9.51
CA CYS A 137 15.69 -1.68 -8.69
C CYS A 137 14.47 -2.59 -8.48
N THR A 138 14.55 -3.79 -9.03
CA THR A 138 13.44 -4.74 -8.91
C THR A 138 13.83 -5.79 -7.87
N ILE A 139 12.89 -6.16 -7.01
CA ILE A 139 13.09 -7.15 -5.96
C ILE A 139 11.90 -8.09 -5.99
N THR A 140 12.15 -9.34 -6.28
CA THR A 140 11.07 -10.34 -6.39
C THR A 140 11.35 -11.59 -5.61
N ASP A 141 10.37 -12.44 -5.44
CA ASP A 141 10.41 -13.69 -4.73
C ASP A 141 10.91 -13.65 -3.32
N PHE A 142 10.55 -12.64 -2.56
CA PHE A 142 11.05 -12.64 -1.16
C PHE A 142 9.89 -12.96 -0.25
N TYR A 143 10.19 -13.59 0.86
CA TYR A 143 9.28 -13.99 1.90
C TYR A 143 10.12 -14.17 3.17
N PRO A 144 9.73 -13.65 4.29
CA PRO A 144 8.54 -12.87 4.58
C PRO A 144 8.44 -11.67 3.69
N GLY A 145 7.24 -11.15 3.50
CA GLY A 145 7.11 -10.00 2.62
C GLY A 145 7.41 -8.65 3.18
N VAL A 146 8.57 -8.40 3.72
CA VAL A 146 8.94 -7.08 4.28
C VAL A 146 10.39 -6.81 3.89
N VAL A 147 10.73 -5.70 3.31
CA VAL A 147 12.07 -5.32 2.96
C VAL A 147 12.29 -3.78 3.20
N THR A 148 13.58 -3.54 3.19
CA THR A 148 14.13 -2.19 3.34
C THR A 148 15.02 -1.99 2.13
N VAL A 149 14.72 -0.92 1.39
CA VAL A 149 15.53 -0.61 0.19
C VAL A 149 16.21 0.74 0.42
N ASP A 150 17.51 0.74 0.27
CA ASP A 150 18.32 1.96 0.44
C ASP A 150 19.26 2.09 -0.76
N TRP A 151 19.21 3.28 -1.27
CA TRP A 151 19.98 3.72 -2.41
C TRP A 151 21.21 4.49 -1.98
N LYS A 152 22.30 4.33 -2.70
CA LYS A 152 23.55 5.03 -2.43
C LYS A 152 24.32 5.41 -3.68
N VAL A 153 24.19 6.72 -3.95
CA VAL A 153 24.83 7.37 -5.06
C VAL A 153 26.24 7.77 -4.52
N ASP A 154 27.19 7.35 -5.27
CA ASP A 154 28.61 7.60 -5.06
C ASP A 154 29.10 7.38 -3.64
N GLY A 155 28.49 6.47 -2.91
CA GLY A 155 28.94 6.21 -1.52
C GLY A 155 28.01 6.88 -0.51
N THR A 156 27.24 7.83 -1.02
CA THR A 156 26.29 8.59 -0.24
C THR A 156 24.82 8.25 -0.42
N PRO A 157 24.29 7.88 0.73
CA PRO A 157 22.88 7.53 0.87
C PRO A 157 22.02 8.62 0.21
N VAL A 158 21.38 8.19 -0.87
CA VAL A 158 20.48 9.18 -1.52
C VAL A 158 19.35 9.24 -0.50
N THR A 159 18.55 10.28 -0.54
CA THR A 159 17.48 10.37 0.50
C THR A 159 16.24 11.04 -0.06
N GLN A 160 16.45 11.60 -1.24
CA GLN A 160 15.42 12.29 -2.04
C GLN A 160 15.60 11.78 -3.47
N GLY A 161 14.49 11.51 -4.16
CA GLY A 161 14.55 11.02 -5.54
C GLY A 161 14.01 9.60 -5.70
N MET A 162 14.07 8.86 -4.63
CA MET A 162 13.61 7.48 -4.57
C MET A 162 12.15 7.37 -4.16
N GLU A 163 11.55 6.30 -4.68
CA GLU A 163 10.21 5.83 -4.45
C GLU A 163 10.23 4.29 -4.49
N THR A 164 9.69 3.72 -3.46
CA THR A 164 9.62 2.26 -3.32
C THR A 164 8.18 1.83 -3.19
N THR A 165 7.71 0.93 -4.04
CA THR A 165 6.33 0.46 -3.98
C THR A 165 6.19 -0.36 -2.71
N GLN A 166 4.96 -0.74 -2.49
CA GLN A 166 4.63 -1.59 -1.32
C GLN A 166 4.70 -3.05 -1.80
N PRO A 167 5.19 -3.90 -0.94
CA PRO A 167 5.29 -5.32 -1.30
C PRO A 167 3.91 -5.76 -1.80
N SER A 168 3.88 -6.41 -2.94
CA SER A 168 2.68 -6.96 -3.60
C SER A 168 2.88 -8.48 -3.60
N LYS A 169 1.86 -9.24 -3.33
CA LYS A 169 1.89 -10.69 -3.30
C LYS A 169 1.91 -11.32 -4.69
N GLN A 170 2.90 -12.14 -4.94
CA GLN A 170 2.90 -12.84 -6.25
C GLN A 170 2.01 -14.09 -6.05
N SER A 171 1.84 -14.79 -7.14
CA SER A 171 1.02 -16.02 -7.24
C SER A 171 1.52 -17.12 -6.33
N ASN A 172 2.84 -17.34 -6.34
CA ASN A 172 3.43 -18.39 -5.49
C ASN A 172 3.31 -18.00 -4.04
N ASN A 173 2.84 -16.82 -3.73
CA ASN A 173 2.65 -16.35 -2.34
C ASN A 173 3.87 -15.74 -1.65
N LYS A 174 4.82 -15.37 -2.44
CA LYS A 174 6.07 -14.68 -2.12
C LYS A 174 5.80 -13.22 -2.44
N TYR A 175 6.67 -12.26 -2.29
CA TYR A 175 6.27 -10.89 -2.63
C TYR A 175 7.30 -10.31 -3.61
N MET A 176 6.95 -9.14 -4.08
CA MET A 176 7.76 -8.34 -4.98
C MET A 176 7.57 -6.85 -4.67
N ALA A 177 8.50 -6.08 -5.20
CA ALA A 177 8.48 -4.61 -5.01
C ALA A 177 9.62 -4.10 -5.89
N SER A 178 9.53 -2.88 -6.26
CA SER A 178 10.54 -2.20 -7.07
C SER A 178 10.67 -0.78 -6.46
N SER A 179 11.83 -0.23 -6.61
CA SER A 179 12.22 1.10 -6.14
C SER A 179 12.82 1.82 -7.35
N TYR A 180 12.50 3.09 -7.42
CA TYR A 180 12.95 3.97 -8.50
C TYR A 180 13.74 5.13 -7.90
N LEU A 181 14.82 5.50 -8.53
CA LEU A 181 15.70 6.61 -8.20
C LEU A 181 15.77 7.41 -9.53
N THR A 182 15.12 8.53 -9.57
CA THR A 182 15.10 9.41 -10.71
C THR A 182 16.08 10.59 -10.51
N LEU A 183 16.96 10.67 -11.45
CA LEU A 183 17.98 11.71 -11.55
C LEU A 183 17.59 12.47 -12.83
N THR A 184 18.50 13.35 -13.21
CA THR A 184 18.33 14.15 -14.44
C THR A 184 19.40 13.58 -15.39
N ALA A 185 19.19 13.85 -16.66
CA ALA A 185 20.19 13.34 -17.62
C ALA A 185 21.54 13.62 -16.96
N ARG A 186 21.64 14.86 -16.49
CA ARG A 186 22.78 15.49 -15.85
C ARG A 186 23.23 14.98 -14.51
N ALA A 187 22.27 14.83 -13.60
CA ALA A 187 22.69 14.29 -12.27
C ALA A 187 23.36 12.95 -12.60
N TRP A 188 22.78 12.27 -13.58
CA TRP A 188 23.23 10.97 -14.04
C TRP A 188 24.73 10.96 -14.35
N GLU A 189 25.07 11.79 -15.31
CA GLU A 189 26.44 11.93 -15.82
C GLU A 189 27.45 12.43 -14.80
N ARG A 190 26.94 13.04 -13.76
CA ARG A 190 27.78 13.61 -12.69
C ARG A 190 28.38 12.50 -11.83
N HIS A 191 27.55 11.99 -10.92
CA HIS A 191 27.98 10.93 -9.99
C HIS A 191 28.39 9.72 -10.81
N SER A 192 29.07 8.79 -10.18
CA SER A 192 29.59 7.59 -10.85
C SER A 192 29.22 6.23 -10.30
N SER A 193 28.85 6.04 -9.05
CA SER A 193 28.50 4.72 -8.51
C SER A 193 27.10 4.73 -7.90
N TYR A 194 26.27 3.88 -8.47
CA TYR A 194 24.88 3.76 -7.98
C TYR A 194 24.75 2.40 -7.33
N SER A 195 23.92 2.33 -6.31
CA SER A 195 23.78 1.00 -5.65
C SER A 195 22.44 0.92 -4.97
N CYS A 196 21.78 -0.20 -5.14
CA CYS A 196 20.45 -0.46 -4.53
C CYS A 196 20.65 -1.55 -3.49
N GLN A 197 20.43 -1.21 -2.23
CA GLN A 197 20.67 -2.15 -1.13
C GLN A 197 19.32 -2.56 -0.60
N VAL A 198 19.16 -3.88 -0.55
CA VAL A 198 17.93 -4.47 -0.06
C VAL A 198 18.20 -5.32 1.16
N THR A 199 17.50 -5.00 2.22
CA THR A 199 17.67 -5.74 3.49
C THR A 199 16.50 -6.68 3.70
N HIS A 200 16.75 -7.96 3.80
CA HIS A 200 15.60 -8.90 4.01
C HIS A 200 15.99 -9.94 5.02
N GLU A 201 15.06 -10.29 5.90
CA GLU A 201 15.25 -11.22 7.00
C GLU A 201 16.74 -11.40 7.29
N GLY A 202 17.28 -10.28 7.74
CA GLY A 202 18.59 -9.98 8.19
C GLY A 202 19.78 -9.91 7.27
N HIS A 203 19.68 -10.50 6.11
CA HIS A 203 20.82 -10.48 5.17
C HIS A 203 20.62 -9.26 4.30
N THR A 204 21.71 -8.78 3.76
CA THR A 204 21.66 -7.61 2.88
C THR A 204 22.20 -8.08 1.51
N VAL A 205 21.62 -7.44 0.51
CA VAL A 205 21.92 -7.63 -0.89
C VAL A 205 22.03 -6.23 -1.51
N GLU A 206 23.20 -6.01 -2.04
CA GLU A 206 23.60 -4.76 -2.69
C GLU A 206 23.90 -5.09 -4.15
N LYS A 207 23.24 -4.35 -5.01
CA LYS A 207 23.41 -4.47 -6.47
C LYS A 207 23.82 -3.09 -6.96
N SER A 208 25.06 -3.04 -7.44
CA SER A 208 25.65 -1.81 -7.94
C SER A 208 26.00 -1.85 -9.42
N LEU A 209 25.80 -0.66 -9.94
CA LEU A 209 26.03 -0.39 -11.36
C LEU A 209 27.23 0.56 -11.39
N SER A 210 27.85 0.59 -12.54
CA SER A 210 29.02 1.45 -12.78
C SER A 210 28.97 1.97 -14.22
N ARG A 211 28.69 3.25 -14.20
CA ARG A 211 28.56 4.15 -15.33
C ARG A 211 29.91 4.34 -16.02
N GLN B 1 -25.75 -10.23 7.11
CA GLN B 1 -25.51 -9.66 5.76
C GLN B 1 -25.36 -8.14 5.90
N VAL B 2 -24.44 -7.76 6.77
CA VAL B 2 -24.12 -6.34 7.05
C VAL B 2 -23.18 -5.89 5.90
N GLN B 3 -23.54 -4.75 5.34
CA GLN B 3 -22.74 -4.22 4.24
C GLN B 3 -22.73 -2.70 4.21
N LEU B 4 -21.55 -2.19 3.95
CA LEU B 4 -21.20 -0.77 3.81
C LEU B 4 -20.69 -0.59 2.40
N GLN B 5 -21.48 0.03 1.54
CA GLN B 5 -21.04 0.14 0.15
C GLN B 5 -20.43 1.43 -0.26
N GLN B 6 -19.19 1.39 -0.73
CA GLN B 6 -18.59 2.62 -1.23
C GLN B 6 -18.15 2.44 -2.68
N PRO B 7 -18.32 3.48 -3.47
CA PRO B 7 -17.87 3.47 -4.87
C PRO B 7 -16.37 3.22 -4.84
N GLY B 8 -15.80 2.49 -5.78
CA GLY B 8 -14.44 2.11 -5.85
C GLY B 8 -13.37 3.11 -6.10
N ALA B 9 -13.61 4.07 -6.96
CA ALA B 9 -12.57 5.04 -7.28
C ALA B 9 -13.26 6.35 -7.65
N GLU B 10 -12.50 7.42 -7.63
CA GLU B 10 -13.11 8.71 -7.98
C GLU B 10 -11.97 9.53 -8.51
N LEU B 11 -12.19 10.21 -9.59
CA LEU B 11 -11.16 11.06 -10.21
C LEU B 11 -11.66 12.50 -10.08
N VAL B 12 -10.85 13.37 -9.56
CA VAL B 12 -11.31 14.78 -9.43
C VAL B 12 -10.14 15.64 -9.84
N LYS B 13 -10.41 16.86 -10.23
CA LYS B 13 -9.38 17.80 -10.65
C LYS B 13 -9.05 18.54 -9.36
N PRO B 14 -7.90 19.07 -9.34
CA PRO B 14 -7.38 19.83 -8.19
C PRO B 14 -8.21 21.09 -8.02
N GLY B 15 -8.35 21.50 -6.76
CA GLY B 15 -9.13 22.67 -6.39
C GLY B 15 -10.61 22.40 -6.30
N ALA B 16 -11.14 21.26 -6.66
CA ALA B 16 -12.58 21.02 -6.60
C ALA B 16 -12.90 20.32 -5.29
N SER B 17 -14.08 19.78 -5.21
CA SER B 17 -14.53 19.04 -4.02
C SER B 17 -15.17 17.75 -4.49
N VAL B 18 -15.33 16.78 -3.61
CA VAL B 18 -15.92 15.50 -3.83
C VAL B 18 -16.84 15.12 -2.65
N LYS B 19 -17.90 14.45 -2.99
CA LYS B 19 -18.85 13.95 -2.01
C LYS B 19 -18.79 12.43 -2.18
N LEU B 20 -18.17 11.77 -1.25
CA LEU B 20 -17.95 10.34 -1.22
C LEU B 20 -19.15 9.77 -0.48
N SER B 21 -19.71 8.68 -0.89
CA SER B 21 -20.85 8.06 -0.28
C SER B 21 -20.52 6.73 0.36
N CYS B 22 -21.40 6.43 1.30
CA CYS B 22 -21.27 5.15 2.03
C CYS B 22 -22.66 4.70 2.41
N LYS B 23 -23.22 3.81 1.61
CA LYS B 23 -24.58 3.26 1.79
C LYS B 23 -24.53 2.06 2.72
N ALA B 24 -25.30 2.10 3.76
CA ALA B 24 -25.29 1.01 4.72
C ALA B 24 -26.48 0.13 4.52
N SER B 25 -26.38 -1.18 4.65
CA SER B 25 -27.59 -2.05 4.55
C SER B 25 -27.37 -3.26 5.43
N GLY B 26 -28.41 -3.89 5.87
CA GLY B 26 -28.45 -5.09 6.67
C GLY B 26 -28.44 -4.92 8.16
N TYR B 27 -28.69 -3.71 8.61
CA TYR B 27 -28.68 -3.42 10.06
C TYR B 27 -29.41 -2.10 10.21
N THR B 28 -29.74 -1.70 11.39
CA THR B 28 -30.46 -0.45 11.64
C THR B 28 -29.47 0.70 11.71
N PHE B 29 -29.42 1.45 10.65
CA PHE B 29 -28.53 2.57 10.45
C PHE B 29 -28.19 3.28 11.75
N THR B 30 -29.21 3.58 12.45
CA THR B 30 -29.36 4.32 13.67
C THR B 30 -28.71 3.81 14.90
N SER B 31 -28.66 2.53 15.13
CA SER B 31 -28.02 2.01 16.32
C SER B 31 -26.49 2.09 16.17
N TYR B 32 -25.94 2.70 15.15
CA TYR B 32 -24.46 2.67 15.07
C TYR B 32 -23.92 3.98 14.60
N TRP B 33 -22.73 4.30 15.04
CA TRP B 33 -22.05 5.56 14.61
C TRP B 33 -21.27 5.28 13.35
N MET B 34 -20.96 6.21 12.52
CA MET B 34 -20.23 5.95 11.28
C MET B 34 -18.94 6.76 11.31
N HIS B 35 -17.82 6.12 11.11
CA HIS B 35 -16.51 6.79 11.14
C HIS B 35 -15.92 6.81 9.75
N TRP B 36 -15.01 7.71 9.44
CA TRP B 36 -14.33 7.85 8.16
C TRP B 36 -12.85 7.84 8.48
N VAL B 37 -12.08 7.17 7.66
CA VAL B 37 -10.63 6.96 7.85
C VAL B 37 -9.94 7.17 6.53
N LYS B 38 -8.72 7.66 6.61
CA LYS B 38 -7.90 7.95 5.43
C LYS B 38 -6.75 6.96 5.48
N GLN B 39 -6.50 6.34 4.36
CA GLN B 39 -5.43 5.40 4.25
C GLN B 39 -4.55 5.84 3.08
N ARG B 40 -3.40 6.29 3.48
CA ARG B 40 -2.32 6.66 2.53
C ARG B 40 -1.54 5.32 2.54
N PRO B 41 -1.50 4.70 1.38
CA PRO B 41 -0.85 3.34 1.34
C PRO B 41 0.62 3.58 1.66
N GLY B 42 1.12 3.01 2.75
CA GLY B 42 2.56 3.26 3.07
C GLY B 42 2.66 4.09 4.32
N ARG B 43 1.48 4.39 4.81
CA ARG B 43 1.37 5.15 6.10
C ARG B 43 0.19 4.44 6.78
N GLY B 44 -0.01 4.83 8.01
CA GLY B 44 -1.12 4.13 8.74
C GLY B 44 -2.42 4.73 8.21
N LEU B 45 -3.38 4.53 9.07
CA LEU B 45 -4.73 5.05 8.84
C LEU B 45 -4.72 6.31 9.71
N GLU B 46 -5.48 7.27 9.34
CA GLU B 46 -5.66 8.49 10.10
C GLU B 46 -7.18 8.59 10.26
N TRP B 47 -7.67 8.77 11.42
CA TRP B 47 -9.11 8.95 11.72
C TRP B 47 -9.50 10.34 11.20
N ILE B 48 -10.58 10.48 10.45
CA ILE B 48 -11.03 11.79 10.00
C ILE B 48 -12.05 12.39 10.98
N GLY B 49 -13.09 11.69 11.34
CA GLY B 49 -14.12 12.13 12.29
C GLY B 49 -15.26 11.13 12.31
N ARG B 50 -16.32 11.38 13.04
CA ARG B 50 -17.48 10.48 13.07
C ARG B 50 -18.74 11.35 13.01
N ILE B 51 -19.83 10.68 12.77
CA ILE B 51 -21.16 11.20 12.70
C ILE B 51 -22.13 10.24 13.39
N ASP B 52 -23.04 10.82 14.12
CA ASP B 52 -24.14 10.02 14.79
C ASP B 52 -25.29 10.18 13.80
N PRO B 53 -25.85 9.11 13.29
CA PRO B 53 -26.93 9.18 12.27
C PRO B 53 -28.27 9.64 12.83
N ASN B 54 -28.44 9.61 14.15
CA ASN B 54 -29.66 10.02 14.84
C ASN B 54 -29.81 11.54 14.83
N SER B 55 -28.90 12.27 15.38
CA SER B 55 -28.88 13.70 15.48
C SER B 55 -28.05 14.36 14.41
N GLY B 56 -27.14 13.70 13.78
CA GLY B 56 -26.36 14.37 12.73
C GLY B 56 -25.16 15.02 13.37
N GLY B 57 -24.98 14.80 14.65
CA GLY B 57 -23.83 15.39 15.37
C GLY B 57 -22.49 14.82 14.94
N THR B 58 -21.45 15.64 14.70
CA THR B 58 -20.13 15.18 14.27
C THR B 58 -19.02 15.57 15.22
N LYS B 59 -17.86 14.95 15.10
CA LYS B 59 -16.65 15.16 15.91
C LYS B 59 -15.55 14.92 14.84
N TYR B 60 -14.64 15.83 14.73
CA TYR B 60 -13.58 15.71 13.77
C TYR B 60 -12.20 15.64 14.39
N ASN B 61 -11.29 15.24 13.52
CA ASN B 61 -9.87 15.18 13.97
C ASN B 61 -9.51 16.64 13.75
N GLU B 62 -8.98 17.36 14.69
CA GLU B 62 -8.68 18.78 14.41
C GLU B 62 -8.01 18.97 13.06
N LYS B 63 -7.20 18.00 12.69
CA LYS B 63 -6.43 18.13 11.43
C LYS B 63 -7.31 18.23 10.23
N PHE B 64 -8.47 17.59 10.27
CA PHE B 64 -9.40 17.56 9.13
C PHE B 64 -10.52 18.56 9.26
N LYS B 65 -10.68 19.15 10.38
CA LYS B 65 -11.69 20.15 10.71
C LYS B 65 -12.05 20.96 9.50
N SER B 66 -11.12 21.42 8.69
CA SER B 66 -11.40 22.23 7.53
C SER B 66 -11.32 21.51 6.19
N LYS B 67 -10.88 20.27 6.13
CA LYS B 67 -10.83 19.54 4.87
C LYS B 67 -12.05 18.65 4.72
N ALA B 68 -12.66 18.07 5.71
CA ALA B 68 -13.81 17.19 5.55
C ALA B 68 -15.08 17.67 6.21
N THR B 69 -16.21 17.30 5.66
CA THR B 69 -17.55 17.62 6.21
C THR B 69 -18.37 16.33 6.21
N LEU B 70 -18.80 15.84 7.34
CA LEU B 70 -19.63 14.62 7.38
C LEU B 70 -21.11 15.00 7.36
N THR B 71 -21.88 14.18 6.71
CA THR B 71 -23.34 14.34 6.51
C THR B 71 -24.00 13.01 6.53
N VAL B 72 -25.29 13.00 6.70
CA VAL B 72 -26.00 11.71 6.76
C VAL B 72 -27.35 11.94 6.12
N ASP B 73 -27.85 10.90 5.52
CA ASP B 73 -29.19 10.94 4.90
C ASP B 73 -29.87 9.71 5.51
N LYS B 74 -30.45 9.90 6.67
CA LYS B 74 -31.11 8.88 7.45
C LYS B 74 -32.02 8.02 6.59
N PRO B 75 -32.91 8.64 5.83
CA PRO B 75 -33.88 7.92 4.98
C PRO B 75 -33.20 6.96 4.04
N SER B 76 -32.18 7.36 3.30
CA SER B 76 -31.56 6.42 2.36
C SER B 76 -30.48 5.61 3.03
N SER B 77 -30.36 5.76 4.32
CA SER B 77 -29.30 5.04 5.05
C SER B 77 -27.92 5.26 4.46
N THR B 78 -27.40 6.42 4.18
CA THR B 78 -26.10 6.73 3.66
C THR B 78 -25.38 7.87 4.39
N ALA B 79 -24.10 7.66 4.59
CA ALA B 79 -23.21 8.63 5.22
C ALA B 79 -22.46 9.20 4.01
N TYR B 80 -22.13 10.43 4.12
CA TYR B 80 -21.37 11.11 3.04
C TYR B 80 -20.23 11.87 3.73
N MET B 81 -19.24 12.22 2.98
CA MET B 81 -18.11 12.96 3.45
C MET B 81 -17.67 13.83 2.27
N GLN B 82 -17.62 15.10 2.49
CA GLN B 82 -17.12 15.99 1.41
C GLN B 82 -15.69 16.35 1.81
N LEU B 83 -14.84 16.48 0.85
CA LEU B 83 -13.43 16.88 0.98
C LEU B 83 -13.33 18.13 0.09
N SER B 84 -12.89 19.26 0.58
CA SER B 84 -12.86 20.48 -0.22
C SER B 84 -11.45 20.86 -0.59
N SER B 85 -11.34 21.81 -1.48
CA SER B 85 -10.04 22.31 -1.96
C SER B 85 -9.03 21.20 -2.09
N LEU B 86 -9.34 20.23 -2.93
CA LEU B 86 -8.49 19.05 -3.12
C LEU B 86 -7.21 19.39 -3.81
N THR B 87 -6.19 18.65 -3.55
CA THR B 87 -4.86 18.76 -4.19
C THR B 87 -4.28 17.35 -4.35
N SER B 88 -3.24 17.20 -5.15
CA SER B 88 -2.63 15.88 -5.38
C SER B 88 -2.53 15.11 -4.10
N GLU B 89 -2.07 15.84 -3.11
CA GLU B 89 -1.84 15.18 -1.81
C GLU B 89 -3.09 14.62 -1.18
N ASP B 90 -4.32 14.81 -1.62
CA ASP B 90 -5.45 14.23 -0.92
C ASP B 90 -5.72 12.84 -1.50
N SER B 91 -4.96 12.46 -2.50
CA SER B 91 -5.15 11.14 -3.13
C SER B 91 -4.93 10.06 -2.11
N ALA B 92 -5.80 9.08 -1.97
CA ALA B 92 -5.62 8.04 -0.95
C ALA B 92 -6.88 7.21 -0.90
N VAL B 93 -7.00 6.24 -0.03
CA VAL B 93 -8.24 5.45 0.11
C VAL B 93 -8.94 6.02 1.36
N TYR B 94 -10.20 6.27 1.24
CA TYR B 94 -11.02 6.82 2.31
C TYR B 94 -12.01 5.75 2.68
N TYR B 95 -12.01 5.17 3.84
CA TYR B 95 -12.99 4.14 4.20
C TYR B 95 -14.04 4.71 5.16
N CYS B 96 -15.17 4.06 5.23
CA CYS B 96 -16.25 4.38 6.15
C CYS B 96 -16.28 3.11 7.05
N ALA B 97 -16.48 3.30 8.34
CA ALA B 97 -16.48 2.10 9.20
C ALA B 97 -17.60 2.30 10.19
N ARG B 98 -18.24 1.34 10.68
CA ARG B 98 -19.34 1.36 11.64
C ARG B 98 -18.68 1.21 13.01
N TYR B 99 -19.23 1.75 14.07
CA TYR B 99 -18.63 1.62 15.40
C TYR B 99 -19.73 1.16 16.33
N ASP B 100 -19.66 0.07 17.03
CA ASP B 100 -20.71 -0.39 17.94
C ASP B 100 -20.62 0.47 19.19
N TYR B 101 -21.22 1.65 19.12
CA TYR B 101 -21.16 2.61 20.24
C TYR B 101 -21.96 2.30 21.46
N TYR B 102 -23.14 1.74 21.37
CA TYR B 102 -23.99 1.40 22.50
C TYR B 102 -23.70 0.00 23.03
N GLY B 103 -22.85 -0.72 22.30
CA GLY B 103 -22.51 -2.10 22.62
C GLY B 103 -21.10 -2.41 23.00
N SER B 104 -20.32 -3.07 22.15
CA SER B 104 -18.96 -3.43 22.51
C SER B 104 -17.81 -2.59 22.06
N SER B 105 -17.97 -1.42 21.48
CA SER B 105 -16.88 -0.53 21.10
C SER B 105 -15.83 -1.03 20.13
N TYR B 106 -16.28 -1.43 18.95
CA TYR B 106 -15.35 -1.86 17.93
C TYR B 106 -15.84 -1.32 16.58
N PHE B 107 -14.89 -1.29 15.70
CA PHE B 107 -15.18 -0.90 14.31
C PHE B 107 -15.25 -2.28 13.58
N ASP B 108 -16.38 -2.91 13.76
CA ASP B 108 -16.65 -4.24 13.20
C ASP B 108 -16.66 -4.30 11.69
N TYR B 109 -17.57 -3.55 11.08
CA TYR B 109 -17.69 -3.55 9.62
C TYR B 109 -17.13 -2.34 8.92
N TRP B 110 -16.45 -2.58 7.83
CA TRP B 110 -15.84 -1.55 7.00
C TRP B 110 -16.29 -1.59 5.55
N GLY B 111 -16.28 -0.52 4.88
CA GLY B 111 -16.62 -0.33 3.47
C GLY B 111 -15.29 -0.64 2.78
N GLN B 112 -15.29 -0.78 1.47
CA GLN B 112 -14.07 -1.18 0.75
C GLN B 112 -13.20 0.00 0.40
N GLY B 113 -13.56 1.19 0.83
CA GLY B 113 -12.73 2.37 0.56
C GLY B 113 -12.89 2.72 -0.92
N THR B 114 -12.86 3.99 -1.19
CA THR B 114 -12.94 4.67 -2.46
C THR B 114 -11.50 5.20 -2.68
N THR B 115 -10.95 4.90 -3.83
CA THR B 115 -9.61 5.40 -4.06
C THR B 115 -9.77 6.77 -4.67
N LEU B 116 -9.35 7.82 -3.97
CA LEU B 116 -9.50 9.14 -4.57
C LEU B 116 -8.21 9.48 -5.29
N THR B 117 -8.27 9.84 -6.56
CA THR B 117 -7.06 10.24 -7.28
C THR B 117 -7.31 11.70 -7.68
N VAL B 118 -6.47 12.61 -7.26
CA VAL B 118 -6.65 14.02 -7.61
C VAL B 118 -5.58 14.35 -8.63
N SER B 119 -5.99 14.68 -9.84
CA SER B 119 -4.97 14.96 -10.86
C SER B 119 -5.46 15.84 -11.99
N SER B 120 -4.53 16.67 -12.41
CA SER B 120 -4.81 17.61 -13.50
C SER B 120 -4.55 16.97 -14.84
N ALA B 121 -3.95 15.80 -14.94
CA ALA B 121 -3.67 15.20 -16.23
C ALA B 121 -4.91 14.69 -16.94
N LYS B 122 -4.69 14.55 -18.23
CA LYS B 122 -5.52 14.08 -19.31
C LYS B 122 -4.96 12.76 -19.84
N THR B 123 -5.80 11.95 -20.46
CA THR B 123 -5.32 10.69 -21.06
C THR B 123 -3.95 10.97 -21.68
N THR B 124 -2.92 10.32 -21.24
CA THR B 124 -1.52 10.40 -21.62
C THR B 124 -0.93 8.98 -21.75
N PRO B 125 -0.51 8.68 -22.96
CA PRO B 125 0.03 7.36 -23.30
C PRO B 125 1.41 7.21 -22.72
N PRO B 126 1.77 5.98 -22.39
CA PRO B 126 3.06 5.70 -21.77
C PRO B 126 4.21 5.87 -22.75
N SER B 127 5.40 5.88 -22.18
CA SER B 127 6.66 5.96 -22.93
C SER B 127 7.43 4.69 -22.50
N VAL B 128 7.37 3.65 -23.32
CA VAL B 128 8.04 2.40 -22.93
C VAL B 128 9.51 2.53 -23.24
N TYR B 129 10.37 2.14 -22.31
CA TYR B 129 11.84 2.19 -22.41
C TYR B 129 12.30 0.79 -22.00
N PRO B 130 13.31 0.30 -22.69
CA PRO B 130 13.84 -1.05 -22.47
C PRO B 130 14.97 -1.09 -21.47
N LEU B 131 14.83 -2.03 -20.54
CA LEU B 131 15.78 -2.26 -19.48
C LEU B 131 16.59 -3.55 -19.69
N ALA B 132 17.77 -3.38 -20.22
CA ALA B 132 18.73 -4.46 -20.47
C ALA B 132 19.76 -4.29 -19.37
N PRO B 133 20.36 -5.37 -18.91
CA PRO B 133 21.34 -5.29 -17.80
C PRO B 133 22.62 -4.63 -18.23
N GLY B 134 23.55 -4.51 -17.28
CA GLY B 134 24.89 -3.91 -17.52
C GLY B 134 25.98 -4.72 -16.81
N SER B 135 26.45 -5.73 -17.54
CA SER B 135 27.47 -6.70 -17.13
C SER B 135 27.12 -8.13 -17.57
N SER B 141 23.44 -18.15 -15.32
CA SER B 141 22.48 -18.89 -16.11
C SER B 141 21.26 -18.11 -16.62
N MET B 142 20.54 -17.45 -15.73
CA MET B 142 19.30 -16.67 -16.04
C MET B 142 19.59 -15.19 -15.94
N VAL B 143 19.03 -14.38 -16.80
CA VAL B 143 19.17 -12.93 -16.92
C VAL B 143 17.79 -12.28 -16.75
N THR B 144 17.69 -11.12 -16.11
CA THR B 144 16.41 -10.45 -15.95
C THR B 144 16.32 -9.21 -16.84
N LEU B 145 15.28 -9.19 -17.61
CA LEU B 145 15.00 -8.05 -18.51
C LEU B 145 13.77 -7.34 -17.96
N GLY B 146 13.52 -6.14 -18.41
CA GLY B 146 12.33 -5.43 -17.87
C GLY B 146 11.97 -4.26 -18.74
N CYS B 147 10.81 -3.70 -18.51
CA CYS B 147 10.33 -2.56 -19.29
C CYS B 147 9.90 -1.47 -18.33
N LEU B 148 10.14 -0.26 -18.71
CA LEU B 148 9.72 0.88 -17.89
C LEU B 148 8.59 1.52 -18.69
N VAL B 149 7.46 1.55 -18.08
CA VAL B 149 6.28 2.22 -18.70
C VAL B 149 6.09 3.50 -17.88
N LYS B 150 6.59 4.62 -18.36
CA LYS B 150 6.58 5.89 -17.65
C LYS B 150 5.72 7.02 -18.11
N GLY B 151 5.16 7.74 -17.15
CA GLY B 151 4.33 8.92 -17.35
C GLY B 151 3.11 8.73 -18.21
N TYR B 152 2.26 7.84 -17.74
CA TYR B 152 1.02 7.60 -18.52
C TYR B 152 -0.15 7.96 -17.62
N PHE B 153 -1.30 8.06 -18.21
CA PHE B 153 -2.49 8.41 -17.41
C PHE B 153 -3.68 8.25 -18.35
N PRO B 154 -4.79 7.72 -17.90
CA PRO B 154 -5.02 7.21 -16.56
C PRO B 154 -4.48 5.76 -16.54
N GLU B 155 -4.88 5.14 -15.49
CA GLU B 155 -4.60 3.73 -15.18
C GLU B 155 -5.65 2.91 -15.94
N PRO B 156 -5.42 1.72 -16.38
CA PRO B 156 -4.21 0.91 -16.29
C PRO B 156 -3.57 0.78 -17.67
N VAL B 157 -2.58 -0.07 -17.66
CA VAL B 157 -1.80 -0.45 -18.83
C VAL B 157 -1.68 -1.98 -18.67
N THR B 158 -1.48 -2.69 -19.73
CA THR B 158 -1.28 -4.14 -19.70
C THR B 158 0.13 -4.40 -20.21
N VAL B 159 0.88 -5.23 -19.52
CA VAL B 159 2.25 -5.52 -20.06
C VAL B 159 2.26 -7.00 -20.37
N THR B 160 2.85 -7.34 -21.47
CA THR B 160 2.93 -8.76 -21.95
C THR B 160 4.31 -8.98 -22.52
N TRP B 161 4.89 -10.15 -22.42
CA TRP B 161 6.24 -10.46 -22.98
C TRP B 161 6.11 -11.41 -24.16
N ASN B 162 6.76 -11.10 -25.28
CA ASN B 162 6.63 -11.99 -26.46
C ASN B 162 5.15 -12.23 -26.73
N SER B 163 4.39 -11.15 -26.64
CA SER B 163 2.96 -11.23 -26.95
C SER B 163 2.24 -12.31 -26.19
N GLY B 164 2.70 -12.71 -25.05
CA GLY B 164 2.02 -13.73 -24.25
C GLY B 164 2.73 -15.06 -24.19
N SER B 165 3.53 -15.30 -25.20
CA SER B 165 4.26 -16.59 -25.21
C SER B 165 4.93 -16.71 -23.85
N LEU B 166 5.52 -15.63 -23.36
CA LEU B 166 6.24 -15.62 -22.08
C LEU B 166 5.31 -15.19 -20.93
N SER B 167 4.99 -16.17 -20.14
CA SER B 167 4.13 -16.02 -18.97
C SER B 167 4.75 -16.47 -17.67
N SER B 168 5.86 -17.17 -17.65
CA SER B 168 6.56 -17.66 -16.47
C SER B 168 7.75 -16.75 -16.17
N GLY B 169 7.82 -16.37 -14.90
CA GLY B 169 8.89 -15.49 -14.40
C GLY B 169 8.61 -14.05 -14.83
N VAL B 170 7.33 -13.72 -14.94
CA VAL B 170 7.01 -12.35 -15.34
C VAL B 170 6.49 -11.69 -14.06
N HIS B 171 7.05 -10.57 -13.77
CA HIS B 171 6.66 -9.78 -12.60
C HIS B 171 6.30 -8.39 -13.10
N THR B 172 5.09 -7.96 -12.84
CA THR B 172 4.61 -6.63 -13.24
C THR B 172 4.26 -5.89 -11.94
N PHE B 173 4.99 -4.81 -11.70
CA PHE B 173 4.88 -4.04 -10.46
C PHE B 173 3.74 -3.05 -10.47
N PRO B 174 3.34 -2.64 -9.28
CA PRO B 174 2.24 -1.70 -9.07
C PRO B 174 2.72 -0.35 -9.54
N ALA B 175 1.81 0.44 -10.09
CA ALA B 175 2.22 1.77 -10.58
C ALA B 175 2.35 2.76 -9.46
N VAL B 176 3.14 3.79 -9.64
CA VAL B 176 3.30 4.86 -8.65
C VAL B 176 2.94 6.20 -9.34
N LEU B 177 2.15 7.00 -8.65
CA LEU B 177 1.72 8.34 -9.10
C LEU B 177 2.86 9.33 -8.88
N GLN B 178 3.57 9.66 -9.94
CA GLN B 178 4.71 10.59 -9.86
C GLN B 178 4.54 11.86 -10.69
N SER B 179 3.93 12.87 -10.07
CA SER B 179 3.64 14.18 -10.63
C SER B 179 2.43 14.11 -11.57
N ASP B 180 1.31 13.72 -10.98
CA ASP B 180 0.01 13.58 -11.67
C ASP B 180 -0.01 12.44 -12.70
N LEU B 181 1.12 11.79 -12.90
CA LEU B 181 1.34 10.73 -13.86
C LEU B 181 1.92 9.46 -13.21
N TYR B 182 1.46 8.32 -13.71
CA TYR B 182 1.86 7.00 -13.24
C TYR B 182 3.08 6.47 -14.00
N THR B 183 3.78 5.58 -13.34
CA THR B 183 4.98 4.89 -13.79
C THR B 183 4.86 3.46 -13.24
N LEU B 184 5.24 2.56 -14.10
CA LEU B 184 5.19 1.12 -13.80
C LEU B 184 6.26 0.46 -14.67
N SER B 185 6.71 -0.65 -14.18
CA SER B 185 7.76 -1.42 -14.87
C SER B 185 7.40 -2.88 -14.75
N SER B 186 7.90 -3.74 -15.61
CA SER B 186 7.65 -5.16 -15.70
C SER B 186 8.95 -5.89 -16.02
N SER B 187 9.15 -7.08 -15.46
CA SER B 187 10.38 -7.83 -15.74
C SER B 187 10.09 -9.30 -15.98
N VAL B 188 10.98 -9.85 -16.75
CA VAL B 188 10.95 -11.27 -17.12
C VAL B 188 12.38 -11.80 -16.99
N THR B 189 12.47 -12.97 -16.46
CA THR B 189 13.70 -13.74 -16.23
C THR B 189 13.62 -14.89 -17.24
N VAL B 190 14.54 -14.84 -18.13
CA VAL B 190 14.76 -15.72 -19.29
C VAL B 190 16.10 -16.40 -19.09
N PRO B 191 16.19 -17.65 -19.48
CA PRO B 191 17.51 -18.35 -19.31
C PRO B 191 18.58 -17.58 -20.06
N SER B 192 19.85 -17.86 -19.75
CA SER B 192 20.98 -17.20 -20.48
C SER B 192 21.30 -18.14 -21.64
N SER B 193 20.69 -17.91 -22.77
CA SER B 193 20.86 -18.77 -23.97
C SER B 193 19.78 -18.22 -24.94
N PRO B 194 18.60 -17.97 -24.38
CA PRO B 194 17.51 -17.37 -25.14
C PRO B 194 18.03 -15.97 -25.51
N TRP B 195 18.42 -15.24 -24.48
CA TRP B 195 18.91 -13.86 -24.60
C TRP B 195 20.40 -13.68 -24.61
N PRO B 196 20.91 -12.85 -25.51
CA PRO B 196 20.20 -12.05 -26.49
C PRO B 196 20.10 -12.74 -27.84
N SER B 197 20.34 -14.02 -27.80
CA SER B 197 20.28 -14.86 -29.01
C SER B 197 18.90 -14.72 -29.66
N GLU B 198 17.90 -14.98 -28.84
CA GLU B 198 16.45 -14.95 -29.08
C GLU B 198 15.88 -13.63 -28.55
N THR B 199 15.15 -12.91 -29.37
CA THR B 199 14.55 -11.65 -29.04
C THR B 199 13.48 -11.79 -27.93
N VAL B 200 13.58 -10.83 -27.00
CA VAL B 200 12.63 -10.66 -25.91
C VAL B 200 12.05 -9.27 -26.25
N THR B 201 10.76 -9.26 -26.34
CA THR B 201 10.02 -8.05 -26.64
C THR B 201 8.89 -7.85 -25.65
N CYS B 202 8.81 -6.64 -25.18
CA CYS B 202 7.73 -6.35 -24.21
C CYS B 202 6.67 -5.57 -24.95
N ASN B 203 5.42 -5.83 -24.64
CA ASN B 203 4.27 -5.21 -25.28
C ASN B 203 3.43 -4.44 -24.26
N VAL B 204 3.29 -3.17 -24.50
CA VAL B 204 2.50 -2.31 -23.60
C VAL B 204 1.26 -1.78 -24.30
N ALA B 205 0.13 -2.04 -23.70
CA ALA B 205 -1.18 -1.61 -24.21
C ALA B 205 -1.78 -0.61 -23.21
N HIS B 206 -2.34 0.48 -23.71
CA HIS B 206 -2.92 1.53 -22.81
C HIS B 206 -4.24 2.05 -23.38
N PRO B 207 -5.35 1.44 -22.96
CA PRO B 207 -6.71 1.74 -23.38
C PRO B 207 -7.14 3.17 -23.48
N ALA B 208 -7.26 3.85 -22.36
CA ALA B 208 -7.68 5.26 -22.36
C ALA B 208 -7.13 5.97 -23.60
N SER B 209 -5.85 5.81 -23.84
CA SER B 209 -5.19 6.48 -24.98
C SER B 209 -5.11 5.63 -26.24
N SER B 210 -5.62 4.42 -26.16
CA SER B 210 -5.69 3.44 -27.23
C SER B 210 -4.34 3.12 -27.86
N THR B 211 -3.31 3.12 -27.05
CA THR B 211 -1.94 2.82 -27.50
C THR B 211 -1.64 1.34 -27.26
N LYS B 212 -0.71 0.93 -28.06
CA LYS B 212 -0.10 -0.38 -28.11
C LYS B 212 1.31 -0.10 -28.64
N VAL B 213 2.27 -0.46 -27.82
CA VAL B 213 3.67 -0.25 -28.20
C VAL B 213 4.36 -1.58 -27.93
N ASP B 214 5.25 -1.89 -28.81
CA ASP B 214 6.09 -3.12 -28.76
C ASP B 214 7.52 -2.56 -28.69
N LYS B 215 8.30 -3.15 -27.82
CA LYS B 215 9.68 -2.68 -27.62
C LYS B 215 10.58 -3.89 -27.44
N LYS B 216 11.57 -4.06 -28.26
CA LYS B 216 12.46 -5.22 -28.19
C LYS B 216 13.59 -4.96 -27.23
N ILE B 217 13.89 -5.93 -26.37
CA ILE B 217 14.98 -5.75 -25.42
C ILE B 217 16.29 -6.26 -26.03
N VAL B 218 17.12 -5.27 -26.29
CA VAL B 218 18.45 -5.45 -26.87
C VAL B 218 19.46 -4.94 -25.83
N PRO B 219 20.58 -5.65 -25.87
CA PRO B 219 21.70 -5.36 -24.97
C PRO B 219 22.14 -3.91 -25.15
N ARG B 220 22.54 -3.31 -24.06
CA ARG B 220 23.01 -1.93 -23.91
C ARG B 220 23.21 -1.62 -22.41
S SO4 C . -0.22 14.10 5.70
O1 SO4 C . -1.07 14.89 4.78
O2 SO4 C . -0.38 12.63 5.42
O3 SO4 C . 1.24 14.40 5.48
O4 SO4 C . -0.63 14.29 7.13
#